data_6Z10
#
_entry.id   6Z10
#
_cell.length_a   76.839
_cell.length_b   151.003
_cell.length_c   68.211
_cell.angle_alpha   90.000
_cell.angle_beta   112.290
_cell.angle_gamma   90.000
#
_symmetry.space_group_name_H-M   'C 1 2 1'
#
loop_
_entity.id
_entity.type
_entity.pdbx_description
1 polymer 'Succinate receptor 1'
2 polymer Nanobody6
3 non-polymer '2-[2-[[3-[4-chloranyl-2-fluoranyl-5-[(3~{R})-piperidin-3-yl]oxy-phenyl]-2-fluoranyl-phenyl]carbonylamino]-5-fluoranyl-phenyl]ethanoic acid'
4 non-polymer '(2R)-2,3-dihydroxypropyl (9Z)-octadec-9-enoate'
5 non-polymer 'SULFATE ION'
6 non-polymer 'CHLORIDE ION'
7 water water
#
loop_
_entity_poly.entity_id
_entity_poly.type
_entity_poly.pdbx_seq_one_letter_code
_entity_poly.pdbx_strand_id
1 'polypeptide(L)'
;DYKDDDDKAQNLSCENWLALENILEKYYLSAFYGIEFIVGMLGNFTVVFGYLFCMKNWNSSNVYLFNLSISDLAFLCTLP
MLIRSYATGNWTYGDVLCISNRYVLHANLYTSILFLTFISIDRYLLMKFPFREHILQKKEFAILISLAVWVLVTLEVLPM
LTFITSTPIEKGDSCVDYASSGNPKYSLIYSLCLTLLGFLIPLSVMCFFYYKMVVFLKKRSQQQATVLSLNKPLRLVVLA
VVIFSVLFTPYHIMRNVRIASRLDSWPQGCSQKAINCLYILTRPLAFLNSAVNPIFYFLVGDHFRDMLFSKLRQYFKSLT
SFRLLEVLFQGPHHHHHHHHHH
;
A
2 'polypeptide(L)'
;DYKDDDDKEVQLVESGGGLVQPGGSLRLSCEASGYTLANYAIGWFRQAPGKEREGVSCISSGGSTVYSESVKDRFTISRD
NAKKIVYLQMNSLQPEDTAVYYCAADPFGERLCIDPNTFAGYLETWGQGTQVTVSSLEVLFQ
;
B
#
# COMPACT_ATOMS: atom_id res chain seq x y z
N CYS A 14 3.08 -26.62 -38.58
CA CYS A 14 3.63 -25.53 -37.79
C CYS A 14 4.65 -26.03 -36.78
N GLU A 15 5.53 -26.95 -37.25
CA GLU A 15 6.59 -27.61 -36.49
C GLU A 15 7.60 -26.60 -35.92
N ASN A 16 7.83 -25.48 -36.65
CA ASN A 16 8.76 -24.42 -36.24
C ASN A 16 8.22 -23.65 -35.06
N TRP A 17 6.92 -23.34 -35.09
CA TRP A 17 6.25 -22.62 -34.01
C TRP A 17 6.11 -23.49 -32.76
N LEU A 18 5.97 -24.81 -32.94
CA LEU A 18 5.94 -25.77 -31.84
C LEU A 18 7.34 -25.84 -31.16
N ALA A 19 8.42 -25.73 -31.95
CA ALA A 19 9.78 -25.70 -31.44
C ALA A 19 9.97 -24.42 -30.59
N LEU A 20 9.39 -23.27 -31.03
CA LEU A 20 9.46 -22.01 -30.30
C LEU A 20 8.67 -22.13 -29.01
N GLU A 21 7.44 -22.68 -29.04
CA GLU A 21 6.59 -22.87 -27.84
C GLU A 21 7.33 -23.69 -26.79
N ASN A 22 7.97 -24.80 -27.21
CA ASN A 22 8.69 -25.70 -26.31
C ASN A 22 9.89 -25.02 -25.68
N ILE A 23 10.69 -24.29 -26.49
CA ILE A 23 11.87 -23.53 -26.03
C ILE A 23 11.46 -22.39 -25.08
N LEU A 24 10.36 -21.67 -25.38
CA LEU A 24 9.90 -20.58 -24.54
C LEU A 24 9.50 -21.10 -23.16
N GLU A 25 8.82 -22.26 -23.12
CA GLU A 25 8.40 -22.84 -21.84
C GLU A 25 9.58 -23.39 -21.05
N LYS A 26 10.42 -24.17 -21.70
CA LYS A 26 11.57 -24.80 -21.06
C LYS A 26 12.66 -23.81 -20.62
N TYR A 27 12.98 -22.80 -21.46
CA TYR A 27 14.09 -21.89 -21.19
C TYR A 27 13.71 -20.45 -20.84
N TYR A 28 12.80 -19.82 -21.58
CA TYR A 28 12.41 -18.45 -21.29
C TYR A 28 11.66 -18.34 -19.95
N LEU A 29 10.61 -19.16 -19.74
CA LEU A 29 9.81 -19.15 -18.50
C LEU A 29 10.64 -19.57 -17.29
N SER A 30 11.46 -20.63 -17.42
CA SER A 30 12.35 -21.11 -16.35
C SER A 30 13.31 -20.03 -15.86
N ALA A 31 13.95 -19.29 -16.78
CA ALA A 31 14.89 -18.21 -16.45
C ALA A 31 14.18 -16.98 -15.84
N PHE A 32 13.10 -16.47 -16.49
CA PHE A 32 12.36 -15.30 -16.02
C PHE A 32 11.71 -15.58 -14.65
N TYR A 33 11.06 -16.73 -14.47
CA TYR A 33 10.49 -17.09 -13.18
C TYR A 33 11.57 -17.36 -12.14
N GLY A 34 12.71 -17.90 -12.54
CA GLY A 34 13.81 -18.17 -11.64
C GLY A 34 14.36 -16.88 -11.05
N ILE A 35 14.54 -15.84 -11.90
CA ILE A 35 15.02 -14.50 -11.49
C ILE A 35 14.01 -13.81 -10.58
N GLU A 36 12.72 -13.91 -10.90
CA GLU A 36 11.63 -13.36 -10.10
C GLU A 36 11.57 -14.05 -8.73
N PHE A 37 11.80 -15.37 -8.68
CA PHE A 37 11.81 -16.12 -7.43
C PHE A 37 12.92 -15.59 -6.52
N ILE A 38 14.14 -15.38 -7.06
CA ILE A 38 15.25 -14.88 -6.24
C ILE A 38 15.03 -13.44 -5.74
N VAL A 39 14.80 -12.49 -6.67
CA VAL A 39 14.58 -11.06 -6.39
C VAL A 39 13.34 -10.82 -5.51
N GLY A 40 12.28 -11.58 -5.78
CA GLY A 40 11.02 -11.50 -5.04
C GLY A 40 11.13 -12.00 -3.62
N MET A 41 11.77 -13.16 -3.41
CA MET A 41 11.93 -13.71 -2.06
C MET A 41 12.82 -12.79 -1.18
N LEU A 42 13.97 -12.32 -1.71
CA LEU A 42 14.86 -11.45 -0.96
C LEU A 42 14.17 -10.14 -0.62
N GLY A 43 13.51 -9.55 -1.60
CA GLY A 43 12.81 -8.29 -1.40
C GLY A 43 11.66 -8.38 -0.42
N ASN A 44 10.82 -9.39 -0.57
CA ASN A 44 9.66 -9.54 0.28
C ASN A 44 10.00 -9.97 1.69
N PHE A 45 11.01 -10.83 1.90
CA PHE A 45 11.38 -11.25 3.26
C PHE A 45 11.98 -10.08 4.05
N THR A 46 12.76 -9.21 3.37
CA THR A 46 13.34 -8.01 3.96
C THR A 46 12.26 -7.01 4.42
N VAL A 47 11.25 -6.73 3.59
CA VAL A 47 10.19 -5.78 3.97
C VAL A 47 9.21 -6.38 4.99
N VAL A 48 8.96 -7.69 4.95
CA VAL A 48 8.10 -8.40 5.91
C VAL A 48 8.79 -8.42 7.27
N PHE A 49 10.07 -8.82 7.33
CA PHE A 49 10.79 -8.82 8.61
C PHE A 49 11.03 -7.39 9.12
N GLY A 50 11.17 -6.42 8.21
CA GLY A 50 11.26 -5.01 8.57
C GLY A 50 10.00 -4.54 9.27
N TYR A 51 8.82 -5.00 8.84
CA TYR A 51 7.56 -4.65 9.49
C TYR A 51 7.38 -5.40 10.81
N LEU A 52 7.73 -6.69 10.82
CA LEU A 52 7.60 -7.52 12.02
C LEU A 52 8.54 -7.06 13.14
N PHE A 53 9.66 -6.40 12.80
CA PHE A 53 10.61 -5.94 13.82
C PHE A 53 10.78 -4.42 13.98
N CYS A 54 10.21 -3.59 13.08
CA CYS A 54 10.37 -2.12 13.17
C CYS A 54 9.06 -1.37 13.37
N MET A 55 7.98 -1.82 12.75
CA MET A 55 6.71 -1.13 12.87
C MET A 55 5.98 -1.52 14.15
N LYS A 56 5.69 -0.54 15.02
CA LYS A 56 4.98 -0.81 16.27
C LYS A 56 3.48 -0.46 16.17
N ASN A 57 3.16 0.67 15.51
CA ASN A 57 1.77 1.07 15.36
C ASN A 57 1.42 1.22 13.87
N TRP A 58 0.64 0.26 13.34
CA TRP A 58 0.33 0.25 11.92
C TRP A 58 -0.80 1.17 11.48
N ASN A 59 -0.65 1.80 10.32
CA ASN A 59 -1.70 2.59 9.72
C ASN A 59 -2.35 1.79 8.53
N SER A 60 -3.26 2.41 7.77
CA SER A 60 -3.91 1.78 6.62
C SER A 60 -2.92 1.31 5.56
N SER A 61 -1.99 2.19 5.15
CA SER A 61 -0.96 1.88 4.17
C SER A 61 -0.06 0.71 4.60
N ASN A 62 0.27 0.60 5.90
CA ASN A 62 1.07 -0.50 6.41
C ASN A 62 0.35 -1.80 6.23
N VAL A 63 -0.95 -1.83 6.57
CA VAL A 63 -1.81 -3.00 6.45
C VAL A 63 -1.86 -3.45 4.99
N TYR A 64 -2.07 -2.51 4.06
CA TYR A 64 -2.16 -2.86 2.63
C TYR A 64 -0.84 -3.37 2.08
N LEU A 65 0.28 -2.76 2.50
CA LEU A 65 1.60 -3.16 2.03
C LEU A 65 1.94 -4.55 2.57
N PHE A 66 1.56 -4.86 3.82
CA PHE A 66 1.83 -6.18 4.39
C PHE A 66 1.04 -7.26 3.65
N ASN A 67 -0.20 -6.97 3.27
CA ASN A 67 -1.05 -7.87 2.50
C ASN A 67 -0.48 -8.09 1.11
N LEU A 68 0.03 -7.04 0.48
CA LEU A 68 0.65 -7.09 -0.83
C LEU A 68 1.86 -8.07 -0.79
N SER A 69 2.64 -8.06 0.32
CA SER A 69 3.78 -8.95 0.48
C SER A 69 3.34 -10.38 0.70
N ILE A 70 2.26 -10.62 1.46
CA ILE A 70 1.74 -11.98 1.63
C ILE A 70 1.24 -12.54 0.28
N SER A 71 0.59 -11.69 -0.53
CA SER A 71 0.11 -12.01 -1.87
C SER A 71 1.33 -12.37 -2.76
N ASP A 72 2.42 -11.58 -2.70
CA ASP A 72 3.63 -11.81 -3.48
C ASP A 72 4.27 -13.12 -3.05
N LEU A 73 4.39 -13.35 -1.75
CA LEU A 73 5.04 -14.53 -1.20
C LEU A 73 4.30 -15.81 -1.55
N ALA A 74 2.97 -15.75 -1.66
CA ALA A 74 2.15 -16.90 -2.03
C ALA A 74 2.52 -17.31 -3.45
N PHE A 75 2.62 -16.31 -4.36
CA PHE A 75 3.00 -16.54 -5.75
C PHE A 75 4.43 -17.09 -5.83
N LEU A 76 5.39 -16.50 -5.10
CA LEU A 76 6.79 -16.91 -5.13
C LEU A 76 6.99 -18.35 -4.64
N CYS A 77 6.14 -18.81 -3.73
CA CYS A 77 6.18 -20.17 -3.23
C CYS A 77 5.74 -21.22 -4.27
N THR A 78 4.95 -20.82 -5.29
CA THR A 78 4.52 -21.73 -6.35
C THR A 78 5.59 -21.92 -7.42
N LEU A 79 6.49 -20.93 -7.60
CA LEU A 79 7.47 -20.93 -8.68
C LEU A 79 8.36 -22.16 -8.76
N PRO A 80 8.92 -22.78 -7.69
CA PRO A 80 9.69 -24.02 -7.89
C PRO A 80 8.87 -25.13 -8.59
N MET A 81 7.56 -25.24 -8.33
CA MET A 81 6.67 -26.22 -8.97
C MET A 81 6.44 -25.85 -10.43
N LEU A 82 6.19 -24.57 -10.72
CA LEU A 82 5.92 -24.11 -12.07
C LEU A 82 7.17 -24.21 -12.95
N ILE A 83 8.36 -23.82 -12.42
CA ILE A 83 9.63 -23.93 -13.14
C ILE A 83 9.96 -25.41 -13.40
N ARG A 84 9.77 -26.30 -12.40
CA ARG A 84 10.02 -27.73 -12.59
C ARG A 84 9.08 -28.32 -13.66
N SER A 85 7.80 -27.90 -13.68
CA SER A 85 6.84 -28.39 -14.68
C SER A 85 7.20 -27.93 -16.08
N TYR A 86 7.53 -26.64 -16.27
CA TYR A 86 7.92 -26.11 -17.57
C TYR A 86 9.24 -26.71 -18.05
N ALA A 87 10.20 -26.92 -17.14
CA ALA A 87 11.49 -27.52 -17.50
C ALA A 87 11.35 -28.98 -17.96
N THR A 88 10.37 -29.73 -17.42
CA THR A 88 10.14 -31.13 -17.81
C THR A 88 9.06 -31.28 -18.92
N GLY A 89 8.26 -30.25 -19.17
CA GLY A 89 7.24 -30.27 -20.21
C GLY A 89 5.86 -30.74 -19.82
N ASN A 90 5.70 -31.20 -18.56
CA ASN A 90 4.40 -31.70 -18.14
C ASN A 90 4.05 -31.41 -16.68
N TRP A 91 2.76 -31.50 -16.39
CA TRP A 91 2.24 -31.29 -15.06
C TRP A 91 2.20 -32.66 -14.40
N THR A 92 2.92 -32.83 -13.29
CA THR A 92 2.96 -34.12 -12.60
C THR A 92 2.59 -34.02 -11.14
N TYR A 93 2.28 -32.81 -10.63
CA TYR A 93 1.99 -32.60 -9.22
C TYR A 93 0.60 -33.04 -8.74
N GLY A 94 -0.35 -33.29 -9.64
CA GLY A 94 -1.67 -33.74 -9.23
C GLY A 94 -2.76 -32.68 -9.24
N ASP A 95 -4.00 -33.08 -8.88
CA ASP A 95 -5.17 -32.21 -8.92
C ASP A 95 -5.23 -31.12 -7.82
N VAL A 96 -4.92 -31.44 -6.56
CA VAL A 96 -4.97 -30.46 -5.45
C VAL A 96 -4.01 -29.29 -5.74
N LEU A 97 -2.78 -29.62 -6.19
CA LEU A 97 -1.76 -28.63 -6.50
C LEU A 97 -2.04 -27.86 -7.81
N CYS A 98 -2.85 -28.42 -8.70
CA CYS A 98 -3.28 -27.72 -9.90
C CYS A 98 -4.20 -26.56 -9.48
N ILE A 99 -5.20 -26.83 -8.63
CA ILE A 99 -6.15 -25.84 -8.20
C ILE A 99 -5.50 -24.78 -7.31
N SER A 100 -4.64 -25.20 -6.36
CA SER A 100 -4.00 -24.24 -5.46
C SER A 100 -3.05 -23.31 -6.21
N ASN A 101 -2.27 -23.85 -7.17
CA ASN A 101 -1.37 -23.03 -7.99
C ASN A 101 -2.15 -22.12 -8.94
N ARG A 102 -3.20 -22.66 -9.62
CA ARG A 102 -4.01 -21.85 -10.54
C ARG A 102 -4.71 -20.71 -9.78
N TYR A 103 -5.14 -20.97 -8.54
CA TYR A 103 -5.75 -19.96 -7.70
C TYR A 103 -4.73 -18.87 -7.36
N VAL A 104 -3.59 -19.24 -6.75
CA VAL A 104 -2.58 -18.29 -6.29
C VAL A 104 -2.05 -17.37 -7.39
N LEU A 105 -1.86 -17.89 -8.63
CA LEU A 105 -1.35 -17.07 -9.72
C LEU A 105 -2.32 -15.95 -10.09
N HIS A 106 -3.61 -16.27 -10.30
CA HIS A 106 -4.60 -15.24 -10.59
C HIS A 106 -4.85 -14.35 -9.36
N ALA A 107 -4.91 -14.94 -8.16
CA ALA A 107 -5.17 -14.16 -6.96
C ALA A 107 -4.09 -13.14 -6.68
N ASN A 108 -2.82 -13.49 -6.90
CA ASN A 108 -1.72 -12.55 -6.71
C ASN A 108 -1.80 -11.37 -7.70
N LEU A 109 -2.21 -11.64 -8.93
CA LEU A 109 -2.29 -10.65 -9.96
C LEU A 109 -3.33 -9.56 -9.62
N TYR A 110 -4.56 -9.99 -9.26
CA TYR A 110 -5.66 -9.07 -9.01
C TYR A 110 -5.71 -8.51 -7.57
N THR A 111 -5.15 -9.20 -6.55
CA THR A 111 -5.09 -8.63 -5.20
C THR A 111 -4.01 -7.53 -5.20
N SER A 112 -2.88 -7.72 -5.92
CA SER A 112 -1.82 -6.74 -5.95
C SER A 112 -2.24 -5.37 -6.45
N ILE A 113 -2.95 -5.30 -7.58
CA ILE A 113 -3.39 -4.01 -8.11
C ILE A 113 -4.43 -3.35 -7.16
N LEU A 114 -5.27 -4.18 -6.48
CA LEU A 114 -6.27 -3.69 -5.51
C LEU A 114 -5.66 -3.14 -4.24
N PHE A 115 -4.61 -3.79 -3.71
CA PHE A 115 -3.90 -3.24 -2.55
C PHE A 115 -3.25 -1.93 -2.90
N LEU A 116 -2.72 -1.77 -4.14
CA LEU A 116 -2.13 -0.49 -4.57
C LEU A 116 -3.17 0.60 -4.83
N THR A 117 -4.38 0.20 -5.22
CA THR A 117 -5.48 1.13 -5.44
C THR A 117 -5.91 1.69 -4.08
N PHE A 118 -6.03 0.83 -3.05
CA PHE A 118 -6.45 1.28 -1.72
C PHE A 118 -5.35 2.09 -1.04
N ILE A 119 -4.07 1.79 -1.30
CA ILE A 119 -2.94 2.60 -0.78
C ILE A 119 -3.06 4.01 -1.38
N SER A 120 -3.32 4.12 -2.69
CA SER A 120 -3.50 5.40 -3.38
C SER A 120 -4.65 6.26 -2.79
N ILE A 121 -5.80 5.63 -2.46
CA ILE A 121 -6.92 6.34 -1.84
C ILE A 121 -6.49 6.78 -0.41
N ASP A 122 -5.70 5.94 0.29
CA ASP A 122 -5.22 6.26 1.62
C ASP A 122 -4.31 7.49 1.58
N ARG A 123 -3.40 7.56 0.58
CA ARG A 123 -2.48 8.68 0.43
C ARG A 123 -3.25 9.94 0.09
N TYR A 124 -4.32 9.84 -0.69
CA TYR A 124 -5.18 10.97 -1.02
C TYR A 124 -5.91 11.48 0.24
N LEU A 125 -6.56 10.59 1.02
CA LEU A 125 -7.28 11.02 2.22
C LEU A 125 -6.32 11.61 3.28
N LEU A 126 -5.11 11.06 3.38
CA LEU A 126 -4.09 11.55 4.31
C LEU A 126 -3.56 12.94 3.90
N MET A 127 -3.57 13.21 2.60
CA MET A 127 -3.16 14.51 2.07
C MET A 127 -4.18 15.58 2.53
N LYS A 128 -5.47 15.24 2.58
CA LYS A 128 -6.54 16.16 2.98
C LYS A 128 -6.74 16.20 4.49
N PHE A 129 -6.60 15.05 5.16
CA PHE A 129 -6.86 14.89 6.58
C PHE A 129 -5.67 14.12 7.18
N PRO A 130 -4.58 14.86 7.50
CA PRO A 130 -3.38 14.18 8.02
C PRO A 130 -3.55 13.45 9.35
N PHE A 131 -4.53 13.88 10.15
CA PHE A 131 -4.76 13.33 11.48
C PHE A 131 -5.61 12.05 11.50
N ARG A 132 -6.07 11.58 10.30
CA ARG A 132 -6.82 10.33 10.13
C ARG A 132 -8.09 10.24 10.99
N GLU A 133 -8.90 11.29 10.99
CA GLU A 133 -10.11 11.28 11.79
C GLU A 133 -11.21 10.44 11.21
N HIS A 134 -11.25 10.29 9.88
CA HIS A 134 -12.31 9.55 9.22
C HIS A 134 -12.23 8.05 9.45
N ILE A 135 -13.40 7.38 9.53
CA ILE A 135 -13.51 5.93 9.67
C ILE A 135 -12.74 5.23 8.51
N LEU A 136 -12.88 5.74 7.26
CA LEU A 136 -12.17 5.23 6.08
C LEU A 136 -10.63 5.20 6.27
N GLN A 137 -10.08 6.06 7.18
CA GLN A 137 -8.63 6.21 7.47
C GLN A 137 -8.16 5.41 8.66
N LYS A 138 -9.03 4.65 9.33
CA LYS A 138 -8.66 3.84 10.48
C LYS A 138 -8.01 2.52 10.10
N LYS A 139 -7.06 2.05 10.93
CA LYS A 139 -6.32 0.79 10.74
C LYS A 139 -7.29 -0.38 10.67
N GLU A 140 -8.29 -0.42 11.56
CA GLU A 140 -9.32 -1.47 11.66
C GLU A 140 -10.17 -1.53 10.37
N PHE A 141 -10.42 -0.38 9.75
CA PHE A 141 -11.18 -0.34 8.50
C PHE A 141 -10.32 -0.90 7.36
N ALA A 142 -8.97 -0.64 7.37
CA ALA A 142 -8.02 -1.14 6.38
C ALA A 142 -7.91 -2.64 6.47
N ILE A 143 -8.02 -3.21 7.69
CA ILE A 143 -8.03 -4.66 7.87
C ILE A 143 -9.29 -5.26 7.24
N LEU A 144 -10.44 -4.57 7.40
CA LEU A 144 -11.70 -4.98 6.80
C LEU A 144 -11.60 -4.93 5.27
N ILE A 145 -11.07 -3.83 4.71
CA ILE A 145 -10.86 -3.67 3.27
C ILE A 145 -9.91 -4.75 2.71
N SER A 146 -8.86 -5.13 3.48
CA SER A 146 -7.92 -6.17 3.05
C SER A 146 -8.63 -7.51 2.97
N LEU A 147 -9.47 -7.82 3.96
CA LEU A 147 -10.25 -9.05 3.95
C LEU A 147 -11.25 -9.01 2.75
N ALA A 148 -11.89 -7.83 2.49
CA ALA A 148 -12.75 -7.64 1.34
C ALA A 148 -12.01 -7.88 0.00
N VAL A 149 -10.79 -7.34 -0.16
CA VAL A 149 -9.94 -7.57 -1.34
C VAL A 149 -9.71 -9.10 -1.56
N TRP A 150 -9.31 -9.83 -0.50
CA TRP A 150 -9.10 -11.27 -0.63
C TRP A 150 -10.38 -12.03 -1.02
N VAL A 151 -11.53 -11.67 -0.43
CA VAL A 151 -12.82 -12.30 -0.75
C VAL A 151 -13.26 -11.98 -2.21
N LEU A 152 -13.22 -10.71 -2.61
CA LEU A 152 -13.57 -10.27 -3.95
C LEU A 152 -12.74 -11.00 -5.01
N VAL A 153 -11.41 -11.04 -4.84
CA VAL A 153 -10.49 -11.66 -5.80
C VAL A 153 -10.66 -13.17 -5.83
N THR A 154 -10.94 -13.80 -4.67
CA THR A 154 -11.24 -15.24 -4.62
C THR A 154 -12.47 -15.52 -5.46
N LEU A 155 -13.49 -14.65 -5.37
CA LEU A 155 -14.70 -14.77 -6.16
C LEU A 155 -14.47 -14.52 -7.65
N GLU A 156 -13.61 -13.56 -8.01
CA GLU A 156 -13.31 -13.27 -9.43
C GLU A 156 -12.65 -14.46 -10.14
N VAL A 157 -11.83 -15.20 -9.40
CA VAL A 157 -11.02 -16.35 -9.80
C VAL A 157 -11.80 -17.68 -9.78
N LEU A 158 -12.87 -17.77 -8.94
CA LEU A 158 -13.68 -18.97 -8.77
C LEU A 158 -14.29 -19.54 -10.07
N PRO A 159 -14.80 -18.76 -11.06
CA PRO A 159 -15.29 -19.40 -12.30
C PRO A 159 -14.19 -20.15 -13.03
N MET A 160 -12.92 -19.66 -12.97
CA MET A 160 -11.81 -20.38 -13.60
C MET A 160 -11.62 -21.74 -12.90
N LEU A 161 -11.64 -21.77 -11.57
CA LEU A 161 -11.49 -22.99 -10.78
C LEU A 161 -12.63 -23.95 -11.00
N THR A 162 -13.87 -23.42 -11.18
CA THR A 162 -15.06 -24.24 -11.49
C THR A 162 -14.87 -24.93 -12.84
N PHE A 163 -14.30 -24.21 -13.83
CA PHE A 163 -14.02 -24.78 -15.13
C PHE A 163 -12.95 -25.88 -14.97
N ILE A 164 -11.88 -25.60 -14.21
CA ILE A 164 -10.80 -26.58 -14.01
C ILE A 164 -11.36 -27.89 -13.37
N THR A 165 -12.25 -27.78 -12.36
CA THR A 165 -12.83 -28.99 -11.74
C THR A 165 -13.68 -29.80 -12.72
N SER A 166 -14.19 -29.18 -13.80
CA SER A 166 -14.94 -29.87 -14.86
C SER A 166 -14.01 -30.68 -15.79
N THR A 167 -12.72 -30.32 -15.87
CA THR A 167 -11.74 -31.05 -16.67
C THR A 167 -11.22 -32.30 -15.87
N PRO A 168 -10.54 -33.29 -16.52
CA PRO A 168 -10.11 -34.48 -15.76
C PRO A 168 -8.81 -34.31 -14.95
N ILE A 169 -8.84 -33.38 -13.96
CA ILE A 169 -7.69 -33.11 -13.08
C ILE A 169 -7.32 -34.31 -12.22
N GLU A 170 -8.28 -35.20 -11.93
CA GLU A 170 -8.13 -36.46 -11.16
C GLU A 170 -7.08 -37.38 -11.81
N LYS A 171 -6.81 -37.20 -13.11
CA LYS A 171 -5.78 -37.96 -13.82
C LYS A 171 -4.35 -37.67 -13.33
N GLY A 172 -4.16 -36.63 -12.53
CA GLY A 172 -2.88 -36.28 -11.94
C GLY A 172 -1.93 -35.50 -12.81
N ASP A 173 -2.09 -35.62 -14.14
CA ASP A 173 -1.20 -34.91 -15.07
C ASP A 173 -1.93 -33.85 -15.94
N SER A 174 -3.06 -33.36 -15.46
CA SER A 174 -3.86 -32.42 -16.20
C SER A 174 -4.04 -31.14 -15.41
N CYS A 175 -3.74 -30.01 -16.05
CA CYS A 175 -3.91 -28.71 -15.43
C CYS A 175 -4.06 -27.67 -16.51
N VAL A 176 -5.27 -27.50 -17.05
CA VAL A 176 -5.49 -26.58 -18.17
C VAL A 176 -5.56 -25.08 -17.84
N ASP A 177 -5.23 -24.28 -18.87
CA ASP A 177 -5.32 -22.83 -18.91
C ASP A 177 -6.64 -22.50 -19.69
N TYR A 178 -7.59 -21.75 -19.08
CA TYR A 178 -8.84 -21.37 -19.77
C TYR A 178 -8.60 -20.55 -21.04
N ALA A 179 -7.43 -19.85 -21.13
CA ALA A 179 -7.06 -19.10 -22.34
C ALA A 179 -6.81 -20.03 -23.53
N SER A 180 -6.29 -21.25 -23.25
CA SER A 180 -5.93 -22.26 -24.24
C SER A 180 -6.91 -23.42 -24.37
N SER A 181 -7.74 -23.68 -23.34
CA SER A 181 -8.68 -24.81 -23.32
C SER A 181 -10.08 -24.39 -22.90
N GLY A 182 -11.06 -25.19 -23.28
CA GLY A 182 -12.45 -24.92 -22.97
C GLY A 182 -13.11 -24.00 -23.97
N ASN A 183 -14.42 -23.85 -23.86
CA ASN A 183 -15.25 -23.03 -24.73
C ASN A 183 -14.70 -21.60 -24.91
N PRO A 184 -14.20 -21.23 -26.11
CA PRO A 184 -13.65 -19.87 -26.31
C PRO A 184 -14.66 -18.75 -26.09
N LYS A 185 -15.93 -18.99 -26.39
CA LYS A 185 -17.00 -17.99 -26.21
C LYS A 185 -17.13 -17.64 -24.72
N TYR A 186 -17.15 -18.65 -23.83
CA TYR A 186 -17.27 -18.41 -22.38
C TYR A 186 -15.97 -17.88 -21.79
N SER A 187 -14.82 -18.41 -22.23
CA SER A 187 -13.49 -17.96 -21.78
C SER A 187 -13.26 -16.49 -22.12
N LEU A 188 -13.75 -16.02 -23.30
CA LEU A 188 -13.61 -14.63 -23.74
C LEU A 188 -14.48 -13.70 -22.91
N ILE A 189 -15.75 -14.10 -22.62
CA ILE A 189 -16.64 -13.30 -21.79
C ILE A 189 -16.03 -13.14 -20.40
N TYR A 190 -15.53 -14.25 -19.83
CA TYR A 190 -14.91 -14.26 -18.52
C TYR A 190 -13.62 -13.43 -18.47
N SER A 191 -12.69 -13.65 -19.44
CA SER A 191 -11.41 -12.94 -19.55
C SER A 191 -11.58 -11.42 -19.76
N LEU A 192 -12.58 -11.02 -20.56
CA LEU A 192 -12.87 -9.59 -20.78
C LEU A 192 -13.47 -8.95 -19.54
N CYS A 193 -14.34 -9.68 -18.80
CA CYS A 193 -14.90 -9.15 -17.55
C CYS A 193 -13.86 -9.02 -16.46
N LEU A 194 -12.94 -9.96 -16.43
CA LEU A 194 -11.81 -10.00 -15.51
C LEU A 194 -10.78 -8.93 -15.87
N THR A 195 -10.60 -8.61 -17.16
CA THR A 195 -9.71 -7.52 -17.59
C THR A 195 -10.32 -6.19 -17.14
N LEU A 196 -11.65 -6.05 -17.28
CA LEU A 196 -12.36 -4.85 -16.89
C LEU A 196 -12.37 -4.68 -15.36
N LEU A 197 -12.92 -5.64 -14.62
CA LEU A 197 -13.06 -5.57 -13.17
C LEU A 197 -11.73 -5.74 -12.41
N GLY A 198 -10.86 -6.62 -12.89
CA GLY A 198 -9.60 -6.90 -12.22
C GLY A 198 -8.45 -5.97 -12.57
N PHE A 199 -8.40 -5.49 -13.82
CA PHE A 199 -7.31 -4.61 -14.24
C PHE A 199 -7.72 -3.15 -14.56
N LEU A 200 -8.56 -2.93 -15.59
CA LEU A 200 -8.89 -1.60 -16.07
C LEU A 200 -9.62 -0.71 -15.06
N ILE A 201 -10.54 -1.27 -14.25
CA ILE A 201 -11.28 -0.49 -13.25
C ILE A 201 -10.33 -0.06 -12.12
N PRO A 202 -9.56 -0.95 -11.43
CA PRO A 202 -8.59 -0.45 -10.42
C PRO A 202 -7.56 0.54 -10.99
N LEU A 203 -7.08 0.35 -12.24
CA LEU A 203 -6.13 1.26 -12.88
C LEU A 203 -6.75 2.66 -13.10
N SER A 204 -8.03 2.71 -13.48
CA SER A 204 -8.78 3.96 -13.68
C SER A 204 -9.03 4.65 -12.38
N VAL A 205 -9.28 3.90 -11.29
CA VAL A 205 -9.51 4.47 -9.97
C VAL A 205 -8.21 5.12 -9.48
N MET A 206 -7.05 4.50 -9.71
CA MET A 206 -5.77 5.12 -9.37
C MET A 206 -5.52 6.40 -10.18
N CYS A 207 -5.89 6.40 -11.46
CA CYS A 207 -5.77 7.56 -12.36
C CYS A 207 -6.65 8.70 -11.89
N PHE A 208 -7.88 8.37 -11.40
CA PHE A 208 -8.85 9.33 -10.90
C PHE A 208 -8.32 9.96 -9.63
N PHE A 209 -7.73 9.16 -8.72
CA PHE A 209 -7.20 9.68 -7.48
C PHE A 209 -5.89 10.44 -7.69
N TYR A 210 -5.12 10.14 -8.76
CA TYR A 210 -3.93 10.94 -9.08
C TYR A 210 -4.42 12.35 -9.47
N TYR A 211 -5.46 12.42 -10.30
CA TYR A 211 -6.08 13.65 -10.76
C TYR A 211 -6.65 14.46 -9.57
N LYS A 212 -7.31 13.81 -8.59
CA LYS A 212 -7.87 14.45 -7.40
C LYS A 212 -6.75 15.05 -6.54
N MET A 213 -5.62 14.33 -6.45
CA MET A 213 -4.44 14.77 -5.73
C MET A 213 -3.86 16.02 -6.40
N VAL A 214 -3.70 16.02 -7.73
CA VAL A 214 -3.19 17.16 -8.48
C VAL A 214 -4.07 18.41 -8.30
N VAL A 215 -5.40 18.23 -8.34
CA VAL A 215 -6.36 19.32 -8.17
C VAL A 215 -6.24 19.89 -6.74
N PHE A 216 -6.13 19.03 -5.73
CA PHE A 216 -5.99 19.46 -4.33
C PHE A 216 -4.73 20.31 -4.12
N LEU A 217 -3.60 19.87 -4.70
CA LEU A 217 -2.32 20.57 -4.60
C LEU A 217 -2.29 21.89 -5.39
N LYS A 218 -3.07 21.98 -6.48
CA LYS A 218 -3.16 23.21 -7.27
C LYS A 218 -3.90 24.29 -6.45
N LYS A 219 -4.94 23.88 -5.71
CA LYS A 219 -5.75 24.75 -4.85
C LYS A 219 -4.89 25.24 -3.66
N ARG A 220 -4.09 24.34 -3.06
CA ARG A 220 -3.21 24.67 -1.93
C ARG A 220 -2.02 25.56 -2.34
N SER A 221 -1.66 25.58 -3.65
CA SER A 221 -0.56 26.38 -4.19
C SER A 221 -1.02 27.79 -4.57
N ASN A 231 5.92 15.80 -5.43
CA ASN A 231 5.47 15.47 -4.09
C ASN A 231 5.40 13.95 -3.86
N LYS A 232 5.57 13.50 -2.60
CA LYS A 232 5.53 12.09 -2.21
C LYS A 232 4.22 11.37 -2.53
N PRO A 233 3.03 11.96 -2.24
CA PRO A 233 1.77 11.25 -2.55
C PRO A 233 1.63 10.98 -4.04
N LEU A 234 2.07 11.92 -4.86
CA LEU A 234 2.02 11.77 -6.31
C LEU A 234 3.00 10.71 -6.79
N ARG A 235 4.15 10.57 -6.12
CA ARG A 235 5.20 9.62 -6.49
C ARG A 235 4.72 8.17 -6.48
N LEU A 236 4.09 7.73 -5.37
CA LEU A 236 3.56 6.37 -5.20
C LEU A 236 2.49 6.02 -6.26
N VAL A 237 1.50 6.91 -6.45
CA VAL A 237 0.39 6.71 -7.37
C VAL A 237 0.88 6.64 -8.80
N VAL A 238 1.80 7.55 -9.19
CA VAL A 238 2.36 7.57 -10.55
C VAL A 238 3.17 6.29 -10.80
N LEU A 239 3.96 5.84 -9.83
CA LEU A 239 4.73 4.61 -9.97
C LEU A 239 3.78 3.41 -10.10
N ALA A 240 2.68 3.40 -9.34
CA ALA A 240 1.71 2.31 -9.42
C ALA A 240 1.05 2.30 -10.80
N VAL A 241 0.59 3.45 -11.30
CA VAL A 241 -0.04 3.54 -12.62
C VAL A 241 0.93 3.09 -13.73
N VAL A 242 2.20 3.53 -13.66
CA VAL A 242 3.23 3.14 -14.64
C VAL A 242 3.57 1.62 -14.58
N ILE A 243 3.81 1.08 -13.37
CA ILE A 243 4.15 -0.33 -13.23
C ILE A 243 3.03 -1.23 -13.77
N PHE A 244 1.77 -0.98 -13.37
CA PHE A 244 0.64 -1.79 -13.82
C PHE A 244 0.29 -1.56 -15.28
N SER A 245 0.37 -0.32 -15.78
CA SER A 245 0.11 -0.05 -17.20
C SER A 245 1.12 -0.79 -18.09
N VAL A 246 2.40 -0.74 -17.73
CA VAL A 246 3.43 -1.39 -18.52
C VAL A 246 3.43 -2.92 -18.39
N LEU A 247 3.37 -3.44 -17.15
CA LEU A 247 3.46 -4.89 -16.93
C LEU A 247 2.17 -5.68 -17.16
N PHE A 248 0.99 -5.12 -16.85
CA PHE A 248 -0.27 -5.86 -17.06
C PHE A 248 -0.88 -5.74 -18.46
N THR A 249 -0.58 -4.67 -19.20
CA THR A 249 -1.22 -4.46 -20.51
C THR A 249 -0.85 -5.52 -21.56
N PRO A 250 0.43 -5.87 -21.82
CA PRO A 250 0.72 -6.89 -22.85
C PRO A 250 0.06 -8.23 -22.54
N TYR A 251 0.06 -8.64 -21.25
CA TYR A 251 -0.56 -9.88 -20.79
C TYR A 251 -2.07 -9.88 -21.03
N HIS A 252 -2.76 -8.79 -20.65
CA HIS A 252 -4.20 -8.73 -20.81
C HIS A 252 -4.60 -8.68 -22.26
N ILE A 253 -3.81 -8.01 -23.13
CA ILE A 253 -4.10 -8.01 -24.56
C ILE A 253 -3.95 -9.43 -25.11
N MET A 254 -2.83 -10.11 -24.80
CA MET A 254 -2.54 -11.44 -25.32
C MET A 254 -3.41 -12.55 -24.76
N ARG A 255 -3.87 -12.48 -23.50
CA ARG A 255 -4.77 -13.50 -22.97
C ARG A 255 -6.08 -13.46 -23.75
N ASN A 256 -6.60 -12.24 -24.03
CA ASN A 256 -7.82 -12.03 -24.80
C ASN A 256 -7.64 -12.37 -26.29
N VAL A 257 -6.47 -12.05 -26.88
CA VAL A 257 -6.19 -12.37 -28.29
C VAL A 257 -6.00 -13.91 -28.46
N ARG A 258 -5.42 -14.57 -27.44
CA ARG A 258 -5.22 -16.03 -27.46
C ARG A 258 -6.60 -16.72 -27.49
N ILE A 259 -7.56 -16.22 -26.68
CA ILE A 259 -8.90 -16.78 -26.64
C ILE A 259 -9.67 -16.49 -27.93
N ALA A 260 -9.61 -15.25 -28.42
CA ALA A 260 -10.27 -14.82 -29.64
C ALA A 260 -9.78 -15.61 -30.88
N SER A 261 -8.47 -15.90 -30.95
CA SER A 261 -7.92 -16.69 -32.05
C SER A 261 -8.45 -18.13 -32.10
N ARG A 262 -9.00 -18.63 -30.98
CA ARG A 262 -9.57 -19.97 -30.94
C ARG A 262 -11.05 -20.01 -31.36
N LEU A 263 -11.69 -18.85 -31.61
CA LEU A 263 -13.10 -18.82 -31.99
C LEU A 263 -13.38 -19.48 -33.35
N GLY A 269 -3.67 -23.90 -37.00
CA GLY A 269 -3.02 -22.91 -37.86
C GLY A 269 -1.74 -22.35 -37.24
N CYS A 270 -0.86 -21.78 -38.09
CA CYS A 270 0.39 -21.20 -37.59
C CYS A 270 0.18 -19.88 -36.85
N SER A 271 -0.86 -19.14 -37.22
CA SER A 271 -1.22 -17.88 -36.59
C SER A 271 -1.57 -18.12 -35.12
N GLN A 272 -2.32 -19.20 -34.83
CA GLN A 272 -2.73 -19.63 -33.48
C GLN A 272 -1.53 -19.97 -32.60
N LYS A 273 -0.54 -20.71 -33.12
CA LYS A 273 0.67 -21.05 -32.40
C LYS A 273 1.57 -19.83 -32.20
N ALA A 274 1.61 -18.92 -33.17
CA ALA A 274 2.41 -17.71 -33.05
C ALA A 274 1.83 -16.83 -31.94
N ILE A 275 0.49 -16.71 -31.87
CA ILE A 275 -0.19 -15.91 -30.86
C ILE A 275 0.05 -16.50 -29.45
N ASN A 276 0.08 -17.84 -29.35
CA ASN A 276 0.35 -18.52 -28.09
C ASN A 276 1.78 -18.22 -27.58
N CYS A 277 2.75 -18.11 -28.51
CA CYS A 277 4.14 -17.78 -28.20
C CYS A 277 4.21 -16.35 -27.67
N LEU A 278 3.48 -15.40 -28.30
CA LEU A 278 3.43 -14.01 -27.83
C LEU A 278 2.82 -13.95 -26.43
N TYR A 279 1.73 -14.72 -26.21
CA TYR A 279 1.03 -14.84 -24.94
C TYR A 279 1.99 -15.37 -23.84
N ILE A 280 2.79 -16.44 -24.13
CA ILE A 280 3.77 -17.02 -23.21
C ILE A 280 4.76 -15.95 -22.74
N LEU A 281 5.27 -15.14 -23.68
CA LEU A 281 6.21 -14.07 -23.40
C LEU A 281 5.69 -13.03 -22.37
N THR A 282 4.40 -12.67 -22.45
CA THR A 282 3.78 -11.67 -21.60
C THR A 282 3.51 -12.09 -20.17
N ARG A 283 3.38 -13.40 -19.91
CA ARG A 283 3.04 -13.90 -18.57
C ARG A 283 4.08 -13.57 -17.50
N PRO A 284 5.40 -13.94 -17.59
CA PRO A 284 6.34 -13.53 -16.52
C PRO A 284 6.56 -12.01 -16.47
N LEU A 285 6.31 -11.29 -17.58
CA LEU A 285 6.40 -9.83 -17.60
C LEU A 285 5.33 -9.23 -16.64
N ALA A 286 4.07 -9.75 -16.66
CA ALA A 286 3.04 -9.31 -15.70
C ALA A 286 3.44 -9.62 -14.23
N PHE A 287 4.05 -10.78 -13.97
CA PHE A 287 4.45 -11.20 -12.63
C PHE A 287 5.76 -10.60 -12.14
N LEU A 288 6.46 -9.79 -12.99
CA LEU A 288 7.63 -9.02 -12.57
C LEU A 288 7.17 -8.04 -11.47
N ASN A 289 5.89 -7.65 -11.48
CA ASN A 289 5.19 -6.85 -10.50
C ASN A 289 5.47 -7.38 -9.06
N SER A 290 5.31 -8.68 -8.84
CA SER A 290 5.52 -9.30 -7.54
C SER A 290 6.97 -9.26 -7.04
N ALA A 291 7.92 -9.06 -7.94
CA ALA A 291 9.34 -8.95 -7.59
C ALA A 291 9.73 -7.48 -7.33
N VAL A 292 9.03 -6.51 -7.95
CA VAL A 292 9.36 -5.10 -7.78
C VAL A 292 8.44 -4.35 -6.79
N ASN A 293 7.25 -4.88 -6.47
CA ASN A 293 6.27 -4.35 -5.48
C ASN A 293 6.85 -3.89 -4.18
N PRO A 294 7.83 -4.60 -3.58
CA PRO A 294 8.38 -4.15 -2.29
C PRO A 294 8.89 -2.70 -2.30
N ILE A 295 9.09 -2.08 -3.48
CA ILE A 295 9.54 -0.68 -3.60
C ILE A 295 8.51 0.28 -2.98
N PHE A 296 7.21 -0.07 -3.01
CA PHE A 296 6.17 0.77 -2.44
C PHE A 296 6.30 0.99 -0.93
N TYR A 297 6.97 0.06 -0.23
CA TYR A 297 7.24 0.19 1.21
C TYR A 297 8.02 1.48 1.52
N PHE A 298 8.81 1.94 0.55
CA PHE A 298 9.69 3.09 0.65
C PHE A 298 9.06 4.39 0.12
N LEU A 299 7.78 4.37 -0.25
CA LEU A 299 7.12 5.56 -0.79
C LEU A 299 5.98 6.08 0.07
N VAL A 300 5.89 5.67 1.36
CA VAL A 300 4.81 6.10 2.25
C VAL A 300 5.27 7.07 3.38
N GLY A 301 6.35 7.81 3.12
CA GLY A 301 6.84 8.89 3.99
C GLY A 301 7.30 8.66 5.41
N ASP A 302 7.44 7.41 5.83
CA ASP A 302 7.82 7.07 7.20
C ASP A 302 9.31 6.88 7.45
N HIS A 303 10.14 6.98 6.38
CA HIS A 303 11.58 6.76 6.47
C HIS A 303 11.90 5.31 6.84
N PHE A 304 11.11 4.35 6.28
CA PHE A 304 11.30 2.92 6.53
C PHE A 304 12.66 2.45 6.04
N ARG A 305 13.18 2.99 4.91
CA ARG A 305 14.51 2.62 4.42
C ARG A 305 15.57 2.92 5.46
N ASP A 306 15.45 4.08 6.10
CA ASP A 306 16.36 4.52 7.14
C ASP A 306 16.15 3.63 8.39
N MET A 307 14.89 3.29 8.71
CA MET A 307 14.54 2.42 9.83
C MET A 307 15.14 1.03 9.67
N LEU A 308 15.17 0.52 8.42
CA LEU A 308 15.69 -0.80 8.05
C LEU A 308 17.20 -0.88 8.30
N PHE A 309 17.94 0.18 7.94
CA PHE A 309 19.39 0.26 8.11
C PHE A 309 19.81 0.38 9.57
N SER A 310 18.98 1.02 10.40
CA SER A 310 19.23 1.15 11.83
C SER A 310 19.26 -0.24 12.52
N LYS A 311 18.40 -1.18 12.06
CA LYS A 311 18.31 -2.55 12.57
C LYS A 311 19.34 -3.45 11.84
N GLU B 9 19.84 15.17 19.58
CA GLU B 9 19.91 15.25 21.04
C GLU B 9 19.12 16.44 21.63
N VAL B 10 17.79 16.34 21.76
CA VAL B 10 17.00 17.42 22.37
C VAL B 10 16.07 16.93 23.49
N GLN B 11 15.83 17.80 24.48
CA GLN B 11 14.91 17.56 25.60
C GLN B 11 13.76 18.55 25.47
N LEU B 12 12.51 18.13 25.70
CA LEU B 12 11.37 19.03 25.59
C LEU B 12 10.67 19.29 26.91
N VAL B 13 10.19 20.52 27.12
CA VAL B 13 9.43 20.87 28.31
C VAL B 13 8.22 21.68 27.85
N GLU B 14 7.00 21.24 28.16
CA GLU B 14 5.80 22.02 27.84
C GLU B 14 5.47 22.94 29.02
N SER B 15 4.96 24.12 28.71
CA SER B 15 4.57 25.08 29.72
C SER B 15 3.35 25.92 29.25
N GLY B 16 2.69 26.61 30.18
CA GLY B 16 1.54 27.43 29.86
C GLY B 16 0.20 26.88 30.31
N GLY B 17 0.17 25.66 30.80
CA GLY B 17 -1.07 25.04 31.24
C GLY B 17 -1.75 25.78 32.38
N GLY B 18 -3.07 25.87 32.33
CA GLY B 18 -3.82 26.58 33.37
C GLY B 18 -5.30 26.34 33.31
N LEU B 19 -6.08 27.20 33.97
CA LEU B 19 -7.53 27.11 34.02
C LEU B 19 -8.09 28.21 33.13
N VAL B 20 -8.97 27.83 32.23
CA VAL B 20 -9.59 28.70 31.25
C VAL B 20 -11.12 28.59 31.40
N GLN B 21 -11.84 29.70 31.29
CA GLN B 21 -13.29 29.67 31.31
C GLN B 21 -13.72 29.26 29.85
N PRO B 22 -14.86 28.55 29.63
CA PRO B 22 -15.24 28.18 28.25
C PRO B 22 -15.31 29.39 27.33
N GLY B 23 -14.62 29.30 26.20
CA GLY B 23 -14.52 30.39 25.24
C GLY B 23 -13.23 31.18 25.35
N GLY B 24 -12.49 30.95 26.44
CA GLY B 24 -11.23 31.62 26.69
C GLY B 24 -10.07 31.10 25.86
N SER B 25 -8.94 31.82 25.91
CA SER B 25 -7.72 31.52 25.17
C SER B 25 -6.59 31.18 26.11
N LEU B 26 -5.57 30.48 25.58
CA LEU B 26 -4.38 30.09 26.33
C LEU B 26 -3.26 29.80 25.32
N ARG B 27 -2.03 30.15 25.65
CA ARG B 27 -0.90 29.85 24.78
C ARG B 27 0.06 28.90 25.47
N LEU B 28 0.36 27.77 24.85
CA LEU B 28 1.32 26.82 25.38
C LEU B 28 2.66 26.99 24.68
N SER B 29 3.74 26.63 25.37
CA SER B 29 5.08 26.64 24.81
C SER B 29 5.71 25.28 24.92
N CYS B 30 6.50 24.92 23.94
CA CYS B 30 7.27 23.69 23.91
C CYS B 30 8.68 24.20 23.75
N GLU B 31 9.47 24.14 24.83
CA GLU B 31 10.83 24.65 24.79
C GLU B 31 11.80 23.50 24.73
N ALA B 32 12.80 23.64 23.87
CA ALA B 32 13.79 22.61 23.69
C ALA B 32 15.16 23.00 24.23
N SER B 33 15.91 21.98 24.67
CA SER B 33 17.27 22.07 25.17
C SER B 33 18.10 21.13 24.29
N GLY B 34 19.15 21.65 23.65
CA GLY B 34 19.98 20.82 22.79
C GLY B 34 20.84 21.59 21.81
N THR B 36 20.41 22.14 18.21
CA THR B 36 19.50 22.87 17.34
C THR B 36 18.16 22.16 17.14
N LEU B 37 17.09 22.96 17.00
CA LEU B 37 15.69 22.56 16.75
C LEU B 37 15.33 22.73 15.25
N ALA B 38 16.14 23.47 14.47
CA ALA B 38 15.95 23.78 13.06
C ALA B 38 15.45 22.61 12.22
N ASN B 39 16.11 21.43 12.32
CA ASN B 39 15.77 20.26 11.53
C ASN B 39 14.70 19.36 12.13
N TYR B 40 14.04 19.77 13.21
CA TYR B 40 13.00 18.97 13.83
C TYR B 40 11.59 19.39 13.47
N ALA B 41 10.70 18.42 13.40
CA ALA B 41 9.27 18.67 13.23
C ALA B 41 8.74 18.56 14.66
N ILE B 42 7.80 19.44 15.01
CA ILE B 42 7.22 19.46 16.34
C ILE B 42 5.72 19.32 16.22
N GLY B 43 5.18 18.33 16.89
CA GLY B 43 3.76 18.08 16.92
C GLY B 43 3.25 18.22 18.33
N TRP B 44 2.02 18.72 18.46
CA TRP B 44 1.31 18.84 19.73
C TRP B 44 0.26 17.75 19.74
N PHE B 45 0.20 17.03 20.83
CA PHE B 45 -0.73 15.93 21.09
C PHE B 45 -1.41 16.20 22.44
N ARG B 46 -2.54 15.56 22.70
CA ARG B 46 -3.26 15.73 23.96
C ARG B 46 -3.90 14.43 24.38
N GLN B 47 -4.04 14.25 25.69
CA GLN B 47 -4.71 13.06 26.22
C GLN B 47 -5.67 13.44 27.33
N ALA B 48 -6.96 13.20 27.09
CA ALA B 48 -8.03 13.46 28.04
C ALA B 48 -8.19 12.22 28.94
N PRO B 49 -8.70 12.36 30.18
CA PRO B 49 -8.82 11.17 31.06
C PRO B 49 -9.72 10.07 30.47
N GLY B 50 -9.14 8.88 30.35
CA GLY B 50 -9.82 7.70 29.82
C GLY B 50 -9.84 7.57 28.31
N LYS B 51 -9.30 8.56 27.61
CA LYS B 51 -9.25 8.60 26.16
C LYS B 51 -7.84 8.33 25.61
N GLU B 52 -7.75 7.98 24.33
CA GLU B 52 -6.47 7.76 23.66
C GLU B 52 -5.83 9.13 23.32
N ARG B 53 -4.52 9.12 23.11
CA ARG B 53 -3.79 10.30 22.73
C ARG B 53 -4.17 10.70 21.30
N GLU B 54 -4.34 12.01 21.07
CA GLU B 54 -4.68 12.49 19.76
C GLU B 54 -3.84 13.72 19.37
N GLY B 55 -3.33 13.73 18.14
CA GLY B 55 -2.62 14.87 17.59
C GLY B 55 -3.57 16.03 17.39
N VAL B 56 -3.08 17.27 17.60
CA VAL B 56 -3.91 18.45 17.42
C VAL B 56 -3.34 19.37 16.37
N SER B 57 -2.02 19.53 16.35
CA SER B 57 -1.37 20.45 15.44
C SER B 57 0.09 20.06 15.27
N CYS B 58 0.69 20.35 14.10
CA CYS B 58 2.06 19.92 13.81
C CYS B 58 2.75 20.95 12.91
N ILE B 59 4.04 21.18 13.15
CA ILE B 59 4.86 22.11 12.36
C ILE B 59 6.11 21.38 11.85
N SER B 60 6.32 21.38 10.53
CA SER B 60 7.48 20.73 9.93
C SER B 60 8.74 21.62 10.09
N SER B 61 9.93 21.06 9.83
CA SER B 61 11.17 21.84 9.88
C SER B 61 11.19 22.95 8.81
N GLY B 62 10.50 22.71 7.69
CA GLY B 62 10.35 23.70 6.62
C GLY B 62 9.37 24.83 6.93
N GLY B 63 8.59 24.68 8.01
CA GLY B 63 7.64 25.70 8.46
C GLY B 63 6.18 25.46 8.14
N SER B 64 5.86 24.34 7.45
CA SER B 64 4.49 23.99 7.06
C SER B 64 3.68 23.56 8.28
N THR B 65 2.43 23.99 8.38
CA THR B 65 1.60 23.66 9.55
C THR B 65 0.37 22.83 9.19
N VAL B 66 0.00 21.89 10.07
CA VAL B 66 -1.21 21.06 9.88
C VAL B 66 -2.02 21.08 11.16
N TYR B 67 -3.35 21.00 11.04
CA TYR B 67 -4.26 21.04 12.18
C TYR B 67 -5.28 19.92 12.12
N SER B 68 -5.67 19.34 13.27
CA SER B 68 -6.74 18.34 13.26
C SER B 68 -8.06 19.07 13.02
N GLU B 69 -9.07 18.37 12.51
CA GLU B 69 -10.34 18.97 12.19
C GLU B 69 -11.02 19.58 13.40
N SER B 70 -10.81 19.01 14.61
CA SER B 70 -11.43 19.54 15.82
C SER B 70 -10.83 20.87 16.33
N VAL B 71 -9.64 21.24 15.87
CA VAL B 71 -8.99 22.48 16.33
C VAL B 71 -8.67 23.47 15.18
N LYS B 72 -8.96 23.10 13.93
CA LYS B 72 -8.63 23.86 12.74
C LYS B 72 -9.04 25.35 12.75
N ASP B 73 -10.25 25.66 13.21
CA ASP B 73 -10.70 27.06 13.23
C ASP B 73 -10.29 27.84 14.49
N ARG B 74 -9.47 27.23 15.37
CA ARG B 74 -9.18 27.85 16.66
C ARG B 74 -7.72 27.87 17.08
N PHE B 75 -6.90 26.91 16.66
CA PHE B 75 -5.49 26.86 17.12
C PHE B 75 -4.52 27.38 16.07
N THR B 76 -3.35 27.88 16.52
CA THR B 76 -2.28 28.31 15.64
C THR B 76 -0.96 27.77 16.20
N ILE B 77 -0.20 27.02 15.40
CA ILE B 77 1.11 26.53 15.80
C ILE B 77 2.16 27.42 15.12
N SER B 78 3.20 27.79 15.85
CA SER B 78 4.28 28.60 15.31
C SER B 78 5.61 28.23 15.94
N ARG B 79 6.73 28.60 15.30
CA ARG B 79 8.05 28.24 15.84
C ARG B 79 9.03 29.36 15.75
N ASP B 80 9.94 29.42 16.72
CA ASP B 80 11.03 30.38 16.77
C ASP B 80 12.30 29.56 16.96
N ASN B 81 12.98 29.22 15.88
CA ASN B 81 14.19 28.41 15.94
C ASN B 81 15.31 29.08 16.71
N ALA B 82 15.34 30.43 16.76
CA ALA B 82 16.39 31.17 17.47
C ALA B 82 16.27 30.98 18.98
N LYS B 83 15.04 30.99 19.48
CA LYS B 83 14.72 30.75 20.90
C LYS B 83 14.46 29.24 21.17
N LYS B 84 14.43 28.40 20.11
CA LYS B 84 14.13 26.98 20.12
C LYS B 84 12.80 26.70 20.82
N ILE B 85 11.76 27.48 20.49
CA ILE B 85 10.45 27.35 21.09
C ILE B 85 9.39 27.13 20.02
N VAL B 86 8.41 26.29 20.32
CA VAL B 86 7.26 26.10 19.46
C VAL B 86 6.04 26.52 20.30
N TYR B 87 5.21 27.42 19.77
CA TYR B 87 4.01 27.86 20.49
C TYR B 87 2.75 27.22 19.95
N LEU B 88 1.76 27.02 20.82
CA LEU B 88 0.43 26.57 20.42
C LEU B 88 -0.53 27.60 20.98
N GLN B 89 -1.07 28.46 20.14
CA GLN B 89 -2.05 29.46 20.56
C GLN B 89 -3.40 28.74 20.46
N MET B 90 -4.12 28.61 21.58
CA MET B 90 -5.40 27.92 21.59
C MET B 90 -6.51 28.90 21.88
N ASN B 91 -7.33 29.19 20.87
CA ASN B 91 -8.42 30.12 21.06
C ASN B 91 -9.72 29.36 21.20
N SER B 92 -10.72 30.02 21.84
CA SER B 92 -12.08 29.48 22.03
C SER B 92 -12.11 28.07 22.59
N LEU B 93 -11.47 27.89 23.75
CA LEU B 93 -11.38 26.59 24.38
C LEU B 93 -12.69 26.18 25.04
N GLN B 94 -13.05 24.90 24.95
CA GLN B 94 -14.30 24.40 25.54
C GLN B 94 -14.00 23.29 26.52
N PRO B 95 -14.91 22.94 27.47
CA PRO B 95 -14.63 21.84 28.40
C PRO B 95 -14.07 20.54 27.80
N GLU B 96 -14.49 20.22 26.57
CA GLU B 96 -14.03 19.05 25.81
C GLU B 96 -12.53 19.12 25.42
N ASP B 97 -11.90 20.29 25.54
CA ASP B 97 -10.47 20.48 25.29
C ASP B 97 -9.60 20.27 26.53
N THR B 98 -10.22 19.92 27.68
CA THR B 98 -9.54 19.62 28.93
C THR B 98 -8.75 18.35 28.72
N ALA B 99 -7.42 18.45 28.84
CA ALA B 99 -6.49 17.35 28.59
C ALA B 99 -5.06 17.75 29.00
N VAL B 100 -4.14 16.78 29.08
CA VAL B 100 -2.73 17.06 29.25
C VAL B 100 -2.23 17.19 27.81
N TYR B 101 -1.60 18.30 27.49
CA TYR B 101 -1.03 18.60 26.18
C TYR B 101 0.47 18.31 26.19
N TYR B 102 0.95 17.54 25.22
CA TYR B 102 2.36 17.17 25.08
C TYR B 102 2.87 17.63 23.71
N CYS B 103 4.17 17.87 23.63
CA CYS B 103 4.83 18.13 22.36
C CYS B 103 5.84 17.01 22.11
N ALA B 104 6.00 16.65 20.84
CA ALA B 104 6.95 15.61 20.45
C ALA B 104 7.83 16.14 19.31
N ALA B 105 9.08 15.70 19.28
CA ALA B 105 10.02 16.14 18.26
C ALA B 105 10.48 14.99 17.36
N ASP B 106 10.40 15.21 16.03
CA ASP B 106 10.83 14.24 15.02
C ASP B 106 12.10 14.77 14.38
N PRO B 107 13.24 14.04 14.49
CA PRO B 107 14.47 14.49 13.83
C PRO B 107 14.38 14.51 12.29
N PHE B 108 13.42 13.78 11.71
CA PHE B 108 13.15 13.79 10.28
C PHE B 108 12.09 14.90 10.12
N GLY B 109 12.57 16.12 9.98
CA GLY B 109 11.79 17.33 9.92
C GLY B 109 10.61 17.40 8.98
N GLU B 110 10.66 16.63 7.89
CA GLU B 110 9.55 16.61 6.93
C GLU B 110 8.66 15.38 7.06
N ARG B 111 8.87 14.53 8.10
CA ARG B 111 8.10 13.30 8.29
C ARG B 111 6.82 13.44 9.12
N LEU B 112 6.93 13.83 10.41
CA LEU B 112 5.83 13.83 11.39
C LEU B 112 4.47 14.33 10.89
N CYS B 113 4.44 15.53 10.29
CA CYS B 113 3.20 16.20 9.90
C CYS B 113 2.47 15.55 8.74
N ILE B 114 3.08 14.53 8.09
CA ILE B 114 2.43 13.76 7.03
C ILE B 114 1.31 12.91 7.66
N ASP B 115 1.59 12.30 8.81
CA ASP B 115 0.66 11.40 9.49
C ASP B 115 0.97 11.47 10.99
N PRO B 116 0.61 12.58 11.68
CA PRO B 116 1.02 12.76 13.08
C PRO B 116 0.64 11.66 14.06
N ASN B 117 -0.58 11.11 13.96
CA ASN B 117 -1.04 10.08 14.86
C ASN B 117 -0.34 8.74 14.68
N THR B 118 0.18 8.45 13.47
CA THR B 118 0.90 7.22 13.26
C THR B 118 2.37 7.44 13.55
N PHE B 119 2.94 8.54 13.04
CA PHE B 119 4.37 8.77 13.10
C PHE B 119 4.86 9.17 14.49
N ALA B 120 3.95 9.61 15.39
CA ALA B 120 4.27 9.91 16.80
C ALA B 120 4.82 8.66 17.49
N GLY B 121 4.32 7.50 17.08
CA GLY B 121 4.72 6.20 17.62
C GLY B 121 6.16 5.84 17.39
N TYR B 122 6.82 6.50 16.42
CA TYR B 122 8.24 6.24 16.10
C TYR B 122 9.19 7.10 16.92
N LEU B 123 8.68 8.13 17.64
CA LEU B 123 9.43 9.15 18.36
C LEU B 123 9.79 8.83 19.79
N GLU B 124 11.06 9.13 20.14
CA GLU B 124 11.64 8.99 21.47
C GLU B 124 11.65 10.33 22.24
N THR B 125 11.50 11.47 21.55
CA THR B 125 11.55 12.78 22.20
C THR B 125 10.15 13.35 22.45
N TRP B 126 9.77 13.37 23.73
CA TRP B 126 8.50 13.86 24.22
C TRP B 126 8.71 14.70 25.47
N GLY B 127 7.78 15.63 25.69
CA GLY B 127 7.80 16.39 26.93
C GLY B 127 7.00 15.68 28.02
N GLN B 128 6.98 16.28 29.21
CA GLN B 128 6.27 15.77 30.39
C GLN B 128 4.74 16.01 30.38
N GLY B 129 4.30 16.93 29.54
CA GLY B 129 2.92 17.35 29.40
C GLY B 129 2.54 18.51 30.29
N THR B 130 1.54 19.31 29.88
CA THR B 130 1.02 20.43 30.67
C THR B 130 -0.53 20.37 30.66
N GLN B 131 -1.14 20.43 31.84
CA GLN B 131 -2.59 20.32 32.01
C GLN B 131 -3.34 21.58 31.64
N VAL B 132 -4.28 21.46 30.71
CA VAL B 132 -5.14 22.55 30.31
C VAL B 132 -6.55 22.17 30.79
N THR B 133 -7.16 23.02 31.64
CA THR B 133 -8.48 22.74 32.19
C THR B 133 -9.44 23.82 31.76
N VAL B 134 -10.50 23.44 31.06
CA VAL B 134 -11.52 24.37 30.62
C VAL B 134 -12.80 24.05 31.38
N SER B 135 -13.16 24.90 32.32
CA SER B 135 -14.32 24.68 33.19
C SER B 135 -14.94 26.02 33.54
N SER B 136 -16.27 26.07 33.64
CA SER B 136 -16.95 27.31 33.99
C SER B 136 -16.90 27.57 35.50
N LEU B 137 -17.13 28.84 35.89
CA LEU B 137 -17.14 29.36 37.28
C LEU B 137 -15.74 29.68 37.82
#